data_2WWK
#
_entry.id   2WWK
#
_cell.length_a   89.010
_cell.length_b   37.800
_cell.length_c   68.490
_cell.angle_alpha   90.00
_cell.angle_beta   92.99
_cell.angle_gamma   90.00
#
_symmetry.space_group_name_H-M   'C 1 2 1'
#
loop_
_entity.id
_entity.type
_entity.pdbx_description
1 polymer 'OBSCURIN-LIKE PROTEIN 1'
2 polymer TITIN
3 non-polymer GLYCEROL
4 non-polymer 'SULFATE ION'
5 water water
#
loop_
_entity_poly.entity_id
_entity_poly.type
_entity_poly.pdbx_seq_one_letter_code
_entity_poly.pdbx_strand_id
1 'polypeptide(L)'
;GSSMKASSGDQGSPPCFLRRPRPVRVVSGAEAELKCVVLGEPPPVVVWEKGGQQLAASERLSFPADGAEHGLLLTAALPT
DAGVYVCRARNAAGEAYAAAAVTVLEPPA
;
O
2 'polypeptide(L)'
;GSSRGIPPKIEALPSDISIDEGKVLTVACAFTGEPTPEVTWSCGGRKIHSQEQGRFHIENTDDLTTLIIMDVQKQDGGLY
TLSLGNEFGSDSATVNIHIRSI
;
T
#
loop_
_chem_comp.id
_chem_comp.type
_chem_comp.name
_chem_comp.formula
GOL non-polymer GLYCEROL 'C3 H8 O3'
SO4 non-polymer 'SULFATE ION' 'O4 S -2'
#
# COMPACT_ATOMS: atom_id res chain seq x y z
N GLN A 11 -17.31 -2.14 19.46
CA GLN A 11 -16.15 -3.10 19.51
C GLN A 11 -15.26 -3.05 18.27
N GLY A 12 -15.64 -2.25 17.28
CA GLY A 12 -14.88 -2.20 16.04
C GLY A 12 -13.41 -1.86 16.25
N SER A 13 -12.55 -2.37 15.36
CA SER A 13 -11.19 -1.84 15.23
C SER A 13 -10.80 -1.93 13.76
N PRO A 14 -10.09 -0.89 13.28
CA PRO A 14 -9.92 -0.73 11.86
C PRO A 14 -8.92 -1.73 11.28
N PRO A 15 -8.94 -1.91 9.95
CA PRO A 15 -8.00 -2.86 9.35
C PRO A 15 -6.53 -2.46 9.51
N CYS A 16 -5.69 -3.46 9.70
CA CYS A 16 -4.24 -3.26 9.67
C CYS A 16 -3.60 -4.41 8.94
N PHE A 17 -2.44 -4.15 8.37
CA PHE A 17 -1.68 -5.19 7.73
C PHE A 17 -0.64 -5.78 8.68
N LEU A 18 -0.59 -7.11 8.72
CA LEU A 18 0.51 -7.87 9.31
C LEU A 18 1.58 -8.16 8.25
N ARG A 19 1.10 -8.35 7.03
CA ARG A 19 1.96 -8.63 5.89
CA ARG A 19 1.96 -8.63 5.88
C ARG A 19 1.34 -7.88 4.72
N ARG A 20 2.18 -7.25 3.89
CA ARG A 20 1.76 -6.44 2.83
C ARG A 20 2.18 -7.10 1.53
N PRO A 21 1.49 -6.77 0.44
CA PRO A 21 1.89 -7.33 -0.84
C PRO A 21 3.28 -6.87 -1.24
N ARG A 22 4.06 -7.79 -1.82
CA ARG A 22 5.42 -7.52 -2.26
C ARG A 22 5.55 -7.53 -3.76
N PRO A 23 6.44 -6.70 -4.30
CA PRO A 23 6.63 -6.73 -5.76
C PRO A 23 7.00 -8.11 -6.25
N VAL A 24 6.63 -8.39 -7.48
CA VAL A 24 7.02 -9.65 -8.09
C VAL A 24 7.37 -9.40 -9.55
N ARG A 25 8.42 -10.10 -9.96
CA ARG A 25 8.96 -10.08 -11.30
CA ARG A 25 9.00 -10.09 -11.31
C ARG A 25 8.85 -11.50 -11.86
N VAL A 26 8.06 -11.69 -12.93
CA VAL A 26 7.87 -13.03 -13.50
C VAL A 26 8.08 -13.03 -15.01
N VAL A 27 8.29 -14.22 -15.56
CA VAL A 27 8.35 -14.41 -17.00
C VAL A 27 6.93 -14.50 -17.54
N SER A 28 6.73 -13.90 -18.71
CA SER A 28 5.44 -14.03 -19.38
C SER A 28 4.97 -15.50 -19.46
N GLY A 29 3.71 -15.74 -19.10
CA GLY A 29 3.14 -17.09 -19.08
C GLY A 29 3.19 -17.78 -17.75
N ALA A 30 4.02 -17.30 -16.83
CA ALA A 30 4.15 -17.94 -15.52
C ALA A 30 3.15 -17.39 -14.54
N GLU A 31 2.91 -18.09 -13.44
CA GLU A 31 2.03 -17.61 -12.37
C GLU A 31 2.62 -16.35 -11.70
N ALA A 32 1.75 -15.45 -11.25
CA ALA A 32 2.19 -14.33 -10.38
C ALA A 32 1.26 -14.22 -9.19
N GLU A 33 1.82 -14.10 -8.01
CA GLU A 33 1.00 -14.05 -6.80
C GLU A 33 1.37 -12.87 -5.92
N LEU A 34 0.35 -12.16 -5.44
CA LEU A 34 0.48 -11.14 -4.38
C LEU A 34 -0.27 -11.63 -3.15
N LYS A 35 0.27 -11.35 -1.96
CA LYS A 35 -0.39 -11.81 -0.73
C LYS A 35 -0.44 -10.73 0.31
N CYS A 36 -1.47 -10.76 1.14
CA CYS A 36 -1.52 -9.88 2.28
C CYS A 36 -2.08 -10.63 3.48
N VAL A 37 -1.82 -10.15 4.69
CA VAL A 37 -2.49 -10.67 5.89
C VAL A 37 -2.98 -9.44 6.62
N VAL A 38 -4.27 -9.43 6.91
CA VAL A 38 -4.95 -8.26 7.43
C VAL A 38 -5.69 -8.66 8.68
N LEU A 39 -5.63 -7.81 9.69
CA LEU A 39 -6.46 -7.92 10.86
C LEU A 39 -7.45 -6.76 10.99
N GLY A 40 -8.31 -6.87 11.99
CA GLY A 40 -9.37 -5.92 12.19
C GLY A 40 -10.60 -6.64 12.70
N GLU A 41 -11.54 -5.87 13.26
CA GLU A 41 -12.79 -6.38 13.80
CA GLU A 41 -12.80 -6.40 13.80
C GLU A 41 -13.96 -5.50 13.39
N PRO A 42 -14.93 -6.07 12.64
CA PRO A 42 -14.97 -7.45 12.10
C PRO A 42 -13.85 -7.69 11.08
N PRO A 43 -13.58 -8.97 10.75
CA PRO A 43 -12.55 -9.29 9.76
C PRO A 43 -12.73 -8.47 8.49
N PRO A 44 -11.69 -7.76 8.03
CA PRO A 44 -11.84 -6.94 6.87
C PRO A 44 -12.12 -7.69 5.59
N VAL A 45 -12.85 -7.02 4.72
CA VAL A 45 -13.09 -7.44 3.35
C VAL A 45 -11.96 -6.85 2.55
N VAL A 46 -11.32 -7.65 1.70
CA VAL A 46 -10.19 -7.26 0.86
C VAL A 46 -10.56 -7.28 -0.62
N VAL A 47 -10.30 -6.18 -1.31
CA VAL A 47 -10.44 -6.10 -2.73
C VAL A 47 -9.13 -5.61 -3.30
N TRP A 48 -8.95 -5.76 -4.61
CA TRP A 48 -7.73 -5.41 -5.25
C TRP A 48 -8.07 -4.52 -6.43
N GLU A 49 -7.22 -3.52 -6.64
CA GLU A 49 -7.50 -2.51 -7.66
C GLU A 49 -6.29 -2.38 -8.56
N LYS A 50 -6.54 -2.13 -9.83
CA LYS A 50 -5.52 -1.79 -10.76
C LYS A 50 -6.05 -0.79 -11.78
N GLY A 51 -5.26 0.24 -12.07
CA GLY A 51 -5.64 1.26 -13.05
C GLY A 51 -6.93 2.00 -12.70
N GLY A 52 -7.19 2.16 -11.40
CA GLY A 52 -8.36 2.91 -10.94
C GLY A 52 -9.64 2.09 -10.88
N GLN A 53 -9.54 0.77 -10.96
CA GLN A 53 -10.68 -0.08 -11.10
C GLN A 53 -10.51 -1.35 -10.27
N GLN A 54 -11.59 -1.74 -9.59
CA GLN A 54 -11.60 -2.98 -8.82
C GLN A 54 -11.56 -4.22 -9.74
N LEU A 55 -10.69 -5.15 -9.44
CA LEU A 55 -10.52 -6.38 -10.20
C LEU A 55 -11.57 -7.45 -9.83
N ALA A 56 -12.01 -8.18 -10.85
CA ALA A 56 -12.96 -9.25 -10.69
C ALA A 56 -12.30 -10.60 -10.98
N ALA A 57 -12.72 -11.59 -10.22
CA ALA A 57 -12.34 -13.00 -10.37
C ALA A 57 -12.75 -13.54 -11.72
N SER A 58 -11.90 -14.37 -12.32
CA SER A 58 -12.14 -15.04 -13.60
C SER A 58 -11.27 -16.29 -13.67
N GLU A 59 -11.25 -16.95 -14.81
CA GLU A 59 -10.39 -18.14 -14.97
C GLU A 59 -8.92 -17.79 -14.87
N ARG A 60 -8.58 -16.54 -15.12
CA ARG A 60 -7.16 -16.18 -15.13
C ARG A 60 -6.76 -15.38 -13.93
N LEU A 61 -7.71 -15.00 -13.09
CA LEU A 61 -7.42 -14.22 -11.91
C LEU A 61 -8.30 -14.70 -10.75
N SER A 62 -7.65 -15.19 -9.70
CA SER A 62 -8.35 -15.63 -8.51
C SER A 62 -7.86 -14.93 -7.26
N PHE A 63 -8.66 -15.11 -6.21
CA PHE A 63 -8.44 -14.42 -4.96
C PHE A 63 -8.51 -15.44 -3.83
N PRO A 64 -7.46 -16.27 -3.71
CA PRO A 64 -7.47 -17.24 -2.63
C PRO A 64 -7.42 -16.54 -1.29
N ALA A 65 -8.16 -17.07 -0.30
CA ALA A 65 -8.15 -16.47 1.03
C ALA A 65 -8.22 -17.57 2.09
N ASP A 66 -7.60 -17.32 3.23
CA ASP A 66 -7.64 -18.26 4.33
C ASP A 66 -7.63 -17.43 5.62
N GLY A 67 -8.80 -17.13 6.14
CA GLY A 67 -8.93 -16.22 7.28
C GLY A 67 -8.32 -14.85 6.96
N ALA A 68 -7.33 -14.47 7.76
CA ALA A 68 -6.69 -13.17 7.69
C ALA A 68 -5.81 -13.07 6.44
N GLU A 69 -5.50 -14.21 5.80
CA GLU A 69 -4.63 -14.22 4.61
CA GLU A 69 -4.63 -14.24 4.60
C GLU A 69 -5.49 -14.08 3.34
N HIS A 70 -5.11 -13.14 2.48
CA HIS A 70 -5.87 -12.86 1.26
C HIS A 70 -4.87 -12.71 0.16
N GLY A 71 -5.10 -13.40 -0.96
CA GLY A 71 -4.14 -13.29 -2.06
C GLY A 71 -4.78 -12.94 -3.38
N LEU A 72 -3.88 -12.68 -4.33
CA LEU A 72 -4.23 -12.46 -5.72
C LEU A 72 -3.35 -13.37 -6.54
N LEU A 73 -3.94 -14.15 -7.43
CA LEU A 73 -3.21 -15.13 -8.22
C LEU A 73 -3.55 -15.01 -9.70
N LEU A 74 -2.55 -14.64 -10.49
CA LEU A 74 -2.66 -14.68 -11.94
C LEU A 74 -2.12 -16.03 -12.39
N THR A 75 -2.93 -16.82 -13.07
CA THR A 75 -2.57 -18.20 -13.41
C THR A 75 -1.49 -18.23 -14.48
N ALA A 76 -1.53 -17.25 -15.39
CA ALA A 76 -0.54 -17.13 -16.47
C ALA A 76 -0.41 -15.65 -16.81
N ALA A 77 0.58 -14.99 -16.22
CA ALA A 77 0.76 -13.53 -16.38
C ALA A 77 1.10 -13.12 -17.83
N LEU A 78 0.38 -12.13 -18.34
CA LEU A 78 0.66 -11.58 -19.64
C LEU A 78 1.31 -10.22 -19.42
N PRO A 79 1.96 -9.71 -20.45
CA PRO A 79 2.55 -8.38 -20.36
C PRO A 79 1.56 -7.27 -19.96
N THR A 80 0.30 -7.40 -20.32
CA THR A 80 -0.73 -6.42 -19.97
C THR A 80 -1.18 -6.50 -18.48
N ASP A 81 -0.76 -7.56 -17.81
CA ASP A 81 -0.95 -7.72 -16.36
C ASP A 81 0.07 -6.95 -15.53
N ALA A 82 1.16 -6.46 -16.14
CA ALA A 82 2.15 -5.66 -15.40
C ALA A 82 1.57 -4.37 -14.89
N GLY A 83 2.06 -3.95 -13.73
CA GLY A 83 1.69 -2.66 -13.20
C GLY A 83 1.45 -2.72 -11.71
N VAL A 84 0.89 -1.64 -11.20
CA VAL A 84 0.66 -1.48 -9.77
C VAL A 84 -0.70 -1.98 -9.35
N TYR A 85 -0.72 -2.88 -8.37
CA TYR A 85 -1.93 -3.46 -7.80
C TYR A 85 -2.07 -2.90 -6.41
N VAL A 86 -3.28 -2.55 -6.05
CA VAL A 86 -3.52 -1.92 -4.75
C VAL A 86 -4.44 -2.88 -4.00
N CYS A 87 -4.04 -3.19 -2.78
CA CYS A 87 -4.80 -4.01 -1.86
C CYS A 87 -5.52 -3.08 -0.89
N ARG A 88 -6.85 -3.19 -0.86
CA ARG A 88 -7.71 -2.30 -0.05
C ARG A 88 -8.49 -3.17 0.88
N ALA A 89 -8.25 -2.97 2.17
CA ALA A 89 -8.93 -3.76 3.20
C ALA A 89 -9.90 -2.83 3.95
N ARG A 90 -11.15 -3.26 4.16
CA ARG A 90 -12.21 -2.37 4.64
C ARG A 90 -13.08 -3.07 5.70
N ASN A 91 -13.44 -2.32 6.74
CA ASN A 91 -14.55 -2.68 7.62
C ASN A 91 -15.22 -1.41 8.11
N ALA A 92 -16.24 -1.55 8.96
CA ALA A 92 -16.97 -0.38 9.51
C ALA A 92 -16.07 0.69 10.15
N ALA A 93 -14.95 0.29 10.76
CA ALA A 93 -14.07 1.20 11.46
C ALA A 93 -13.09 1.98 10.58
N GLY A 94 -12.73 1.42 9.42
CA GLY A 94 -11.73 2.08 8.58
C GLY A 94 -11.28 1.27 7.38
N GLU A 95 -10.24 1.78 6.73
CA GLU A 95 -9.67 1.16 5.55
C GLU A 95 -8.18 1.18 5.68
N ALA A 96 -7.53 0.19 5.06
CA ALA A 96 -6.09 0.17 4.94
C ALA A 96 -5.73 -0.12 3.50
N TYR A 97 -4.66 0.52 3.04
CA TYR A 97 -4.19 0.36 1.68
C TYR A 97 -2.69 0.05 1.60
N ALA A 98 -2.33 -0.87 0.67
CA ALA A 98 -0.93 -1.16 0.39
C ALA A 98 -0.85 -1.61 -1.06
N ALA A 99 0.22 -1.27 -1.73
CA ALA A 99 0.34 -1.53 -3.17
C ALA A 99 1.61 -2.31 -3.46
N ALA A 100 1.63 -2.92 -4.65
CA ALA A 100 2.83 -3.68 -5.08
C ALA A 100 2.84 -3.73 -6.58
N ALA A 101 4.04 -3.71 -7.14
CA ALA A 101 4.22 -3.68 -8.60
C ALA A 101 4.52 -5.09 -9.11
N VAL A 102 3.82 -5.49 -10.16
CA VAL A 102 4.08 -6.73 -10.89
C VAL A 102 4.83 -6.33 -12.18
N THR A 103 5.99 -6.95 -12.40
CA THR A 103 6.80 -6.82 -13.63
C THR A 103 6.66 -8.15 -14.41
N VAL A 104 6.46 -8.07 -15.72
CA VAL A 104 6.37 -9.26 -16.53
C VAL A 104 7.37 -9.20 -17.65
N LEU A 105 8.27 -10.16 -17.72
CA LEU A 105 9.35 -10.14 -18.70
C LEU A 105 9.01 -11.03 -19.89
N GLU A 106 9.08 -10.41 -21.07
CA GLU A 106 8.78 -11.02 -22.35
C GLU A 106 10.09 -11.64 -22.93
N PRO A 107 9.98 -12.80 -23.58
CA PRO A 107 11.16 -13.40 -24.22
C PRO A 107 11.73 -12.47 -25.28
N PRO A 108 13.06 -12.48 -25.48
CA PRO A 108 13.66 -11.68 -26.56
C PRO A 108 13.20 -12.04 -27.98
N ALA A 109 13.45 -11.12 -28.91
CA ALA A 109 13.53 -11.39 -30.36
C ALA A 109 12.36 -12.17 -30.94
N SER B 3 30.68 -3.19 0.45
CA SER B 3 29.36 -2.64 0.92
C SER B 3 29.01 -1.43 0.08
N ARG B 4 27.88 -1.50 -0.60
CA ARG B 4 27.51 -0.42 -1.49
C ARG B 4 26.38 0.39 -0.90
N GLY B 5 26.49 1.70 -0.99
CA GLY B 5 25.37 2.57 -0.67
C GLY B 5 24.27 2.40 -1.69
N ILE B 6 23.01 2.54 -1.26
CA ILE B 6 21.85 2.38 -2.09
C ILE B 6 20.98 3.63 -1.91
N PRO B 7 20.77 4.42 -2.98
CA PRO B 7 19.84 5.55 -2.82
C PRO B 7 18.46 5.08 -2.47
N PRO B 8 17.67 5.93 -1.79
CA PRO B 8 16.31 5.51 -1.48
C PRO B 8 15.43 5.35 -2.72
N LYS B 9 14.53 4.41 -2.58
CA LYS B 9 13.60 4.08 -3.66
C LYS B 9 12.30 3.69 -2.99
N ILE B 10 11.26 4.48 -3.27
CA ILE B 10 9.93 4.15 -2.77
C ILE B 10 9.31 3.10 -3.69
N GLU B 11 8.70 2.09 -3.09
CA GLU B 11 7.98 1.09 -3.85
C GLU B 11 6.56 1.58 -4.16
N ALA B 12 5.71 0.70 -4.61
CA ALA B 12 4.41 1.11 -5.07
C ALA B 12 3.59 1.80 -3.99
N LEU B 13 2.90 2.84 -4.42
CA LEU B 13 2.10 3.63 -3.54
C LEU B 13 0.84 3.94 -4.32
N PRO B 14 -0.33 3.72 -3.72
CA PRO B 14 -1.55 4.08 -4.46
C PRO B 14 -1.56 5.53 -4.93
N SER B 15 -2.12 5.81 -6.12
CA SER B 15 -2.21 7.21 -6.60
C SER B 15 -3.36 7.96 -5.93
N ASP B 16 -4.46 7.25 -5.64
CA ASP B 16 -5.68 7.79 -5.02
C ASP B 16 -6.26 6.81 -4.02
N ILE B 17 -6.70 7.34 -2.89
CA ILE B 17 -7.37 6.54 -1.87
C ILE B 17 -8.54 7.32 -1.32
N SER B 18 -9.51 6.59 -0.78
CA SER B 18 -10.76 7.15 -0.24
C SER B 18 -11.02 6.59 1.14
N ILE B 19 -11.66 7.42 1.97
CA ILE B 19 -12.02 7.03 3.31
C ILE B 19 -13.27 7.88 3.63
N ASP B 20 -14.21 7.28 4.35
CA ASP B 20 -15.40 7.98 4.82
C ASP B 20 -15.02 8.82 6.02
N GLU B 21 -15.62 10.00 6.11
CA GLU B 21 -15.41 10.88 7.24
C GLU B 21 -15.71 10.15 8.55
N GLY B 22 -14.85 10.32 9.55
CA GLY B 22 -15.04 9.72 10.87
C GLY B 22 -14.33 8.39 11.09
N LYS B 23 -13.82 7.80 10.02
CA LYS B 23 -13.20 6.50 10.09
C LYS B 23 -11.70 6.64 10.11
N VAL B 24 -11.01 5.52 10.35
CA VAL B 24 -9.55 5.47 10.40
C VAL B 24 -8.96 5.02 9.03
N LEU B 25 -7.92 5.70 8.59
CA LEU B 25 -7.27 5.41 7.32
C LEU B 25 -5.85 5.01 7.58
N THR B 26 -5.42 3.90 6.98
CA THR B 26 -4.04 3.45 7.09
C THR B 26 -3.47 3.31 5.69
N VAL B 27 -2.27 3.85 5.45
CA VAL B 27 -1.53 3.65 4.19
C VAL B 27 -0.15 3.17 4.52
N ALA B 28 0.25 2.03 3.95
CA ALA B 28 1.57 1.50 4.16
C ALA B 28 2.32 1.51 2.84
N CYS B 29 3.62 1.77 2.91
CA CYS B 29 4.45 1.83 1.72
C CYS B 29 5.87 1.37 2.10
N ALA B 30 6.40 0.48 1.28
CA ALA B 30 7.74 -0.05 1.45
C ALA B 30 8.75 0.77 0.68
N PHE B 31 10.01 0.57 1.05
CA PHE B 31 11.10 1.24 0.39
C PHE B 31 12.38 0.48 0.59
N THR B 32 13.37 0.86 -0.21
CA THR B 32 14.73 0.41 -0.02
C THR B 32 15.65 1.62 0.16
N GLY B 33 16.88 1.35 0.59
CA GLY B 33 17.85 2.42 0.79
C GLY B 33 18.84 2.01 1.85
N GLU B 34 20.12 2.33 1.59
CA GLU B 34 21.22 2.01 2.51
C GLU B 34 22.18 3.17 2.52
N PRO B 35 22.39 3.83 3.69
CA PRO B 35 21.75 3.59 4.97
C PRO B 35 20.26 3.85 4.96
N THR B 36 19.57 3.31 5.94
CA THR B 36 18.13 3.46 6.05
C THR B 36 17.74 4.91 5.86
N PRO B 37 16.82 5.16 4.95
CA PRO B 37 16.44 6.54 4.70
C PRO B 37 15.57 7.14 5.78
N GLU B 38 15.67 8.46 5.89
CA GLU B 38 14.77 9.25 6.72
C GLU B 38 13.48 9.45 5.99
N VAL B 39 12.38 9.16 6.68
CA VAL B 39 11.06 9.27 6.09
C VAL B 39 10.38 10.58 6.49
N THR B 40 9.82 11.24 5.48
CA THR B 40 9.03 12.44 5.71
C THR B 40 7.72 12.34 4.96
N TRP B 41 6.60 12.48 5.68
CA TRP B 41 5.29 12.64 5.08
C TRP B 41 4.95 14.11 5.18
N SER B 42 4.36 14.64 4.12
CA SER B 42 3.96 16.05 4.09
C SER B 42 2.60 16.20 3.40
N CYS B 43 1.92 17.28 3.69
CA CYS B 43 0.71 17.66 3.04
C CYS B 43 0.70 19.21 3.02
N GLY B 44 0.44 19.78 1.84
CA GLY B 44 0.41 21.25 1.66
C GLY B 44 1.77 21.86 1.88
N GLY B 45 2.81 21.06 1.63
CA GLY B 45 4.21 21.45 1.72
C GLY B 45 4.75 21.44 3.15
N ARG B 46 4.01 20.84 4.07
CA ARG B 46 4.33 20.91 5.51
C ARG B 46 4.41 19.50 6.11
N LYS B 47 5.47 19.27 6.87
CA LYS B 47 5.73 17.97 7.47
C LYS B 47 4.60 17.58 8.44
N ILE B 48 4.21 16.30 8.32
CA ILE B 48 3.25 15.68 9.20
C ILE B 48 4.06 15.12 10.35
N HIS B 49 3.67 15.48 11.57
CA HIS B 49 4.40 15.13 12.78
C HIS B 49 3.59 14.07 13.52
N SER B 50 4.17 12.91 13.71
CA SER B 50 3.51 11.85 14.46
C SER B 50 3.48 12.22 15.93
N GLN B 51 2.34 12.04 16.57
CA GLN B 51 2.21 12.28 18.01
C GLN B 51 1.35 11.23 18.68
N GLU B 52 1.72 10.86 19.92
CA GLU B 52 0.96 9.89 20.70
C GLU B 52 -0.47 10.34 20.88
N GLN B 53 -0.65 11.56 21.37
CA GLN B 53 -1.94 12.21 21.33
C GLN B 53 -2.06 12.84 19.95
N GLY B 54 -3.28 12.96 19.46
CA GLY B 54 -3.52 13.45 18.10
C GLY B 54 -4.00 12.34 17.19
N ARG B 55 -4.39 12.73 15.99
CA ARG B 55 -5.03 11.81 15.07
C ARG B 55 -4.05 11.25 14.03
N PHE B 56 -2.89 11.87 13.89
CA PHE B 56 -1.91 11.47 12.92
C PHE B 56 -0.79 10.68 13.55
N HIS B 57 -0.53 9.50 13.02
CA HIS B 57 0.52 8.61 13.51
C HIS B 57 1.31 8.05 12.39
N ILE B 58 2.63 7.99 12.59
CA ILE B 58 3.56 7.47 11.58
C ILE B 58 4.47 6.47 12.26
N GLU B 59 4.54 5.27 11.69
CA GLU B 59 5.40 4.17 12.17
C GLU B 59 6.37 3.80 11.06
N ASN B 60 7.66 4.00 11.35
CA ASN B 60 8.74 3.78 10.39
C ASN B 60 9.69 2.69 10.84
N THR B 61 9.98 1.75 9.93
CA THR B 61 11.00 0.73 10.11
C THR B 61 12.11 0.93 9.06
N ASP B 62 12.94 -0.09 8.90
CA ASP B 62 14.06 -0.01 7.95
CA ASP B 62 14.05 -0.06 7.95
C ASP B 62 13.62 -0.05 6.49
N ASP B 63 12.40 -0.55 6.22
CA ASP B 63 11.92 -0.71 4.84
C ASP B 63 10.42 -0.52 4.71
N LEU B 64 9.82 0.14 5.70
CA LEU B 64 8.38 0.38 5.68
C LEU B 64 8.02 1.68 6.38
N THR B 65 7.04 2.39 5.85
CA THR B 65 6.38 3.47 6.59
C THR B 65 4.86 3.24 6.55
N THR B 66 4.21 3.43 7.71
CA THR B 66 2.77 3.36 7.80
C THR B 66 2.24 4.64 8.38
N LEU B 67 1.33 5.27 7.65
CA LEU B 67 0.67 6.48 8.05
C LEU B 67 -0.77 6.13 8.44
N ILE B 68 -1.16 6.58 9.61
CA ILE B 68 -2.51 6.36 10.12
C ILE B 68 -3.13 7.69 10.45
N ILE B 69 -4.36 7.91 9.98
CA ILE B 69 -5.09 9.14 10.32
C ILE B 69 -6.37 8.67 10.97
N MET B 70 -6.57 9.02 12.24
CA MET B 70 -7.74 8.56 12.95
C MET B 70 -8.90 9.56 12.78
N ASP B 71 -10.14 9.07 12.84
CA ASP B 71 -11.34 9.93 12.82
C ASP B 71 -11.21 11.01 11.76
N VAL B 72 -11.08 10.57 10.50
CA VAL B 72 -10.68 11.47 9.44
C VAL B 72 -11.71 12.58 9.26
N GLN B 73 -11.19 13.78 8.99
CA GLN B 73 -12.01 14.97 8.86
C GLN B 73 -11.89 15.54 7.46
N LYS B 74 -12.87 16.33 7.03
CA LYS B 74 -12.83 16.85 5.66
C LYS B 74 -11.51 17.60 5.40
N GLN B 75 -10.98 18.24 6.42
CA GLN B 75 -9.76 19.04 6.29
C GLN B 75 -8.52 18.19 5.99
N ASP B 76 -8.60 16.87 6.19
CA ASP B 76 -7.47 16.00 6.00
C ASP B 76 -7.29 15.64 4.52
N GLY B 77 -8.29 15.89 3.70
CA GLY B 77 -8.21 15.56 2.29
C GLY B 77 -7.12 16.35 1.59
N GLY B 78 -6.49 15.74 0.60
CA GLY B 78 -5.53 16.42 -0.24
C GLY B 78 -4.41 15.54 -0.65
N LEU B 79 -3.41 16.15 -1.29
CA LEU B 79 -2.28 15.45 -1.86
C LEU B 79 -1.23 15.25 -0.78
N TYR B 80 -0.89 14.00 -0.45
CA TYR B 80 0.13 13.72 0.53
C TYR B 80 1.38 13.26 -0.21
N THR B 81 2.53 13.73 0.27
CA THR B 81 3.79 13.36 -0.32
C THR B 81 4.58 12.56 0.67
N LEU B 82 5.10 11.43 0.20
CA LEU B 82 6.09 10.64 0.91
C LEU B 82 7.46 10.94 0.32
N SER B 83 8.40 11.34 1.15
CA SER B 83 9.76 11.66 0.72
C SER B 83 10.74 10.89 1.55
N LEU B 84 11.80 10.43 0.87
CA LEU B 84 12.89 9.70 1.50
C LEU B 84 14.20 10.36 1.18
N GLY B 85 15.08 10.42 2.19
CA GLY B 85 16.44 10.91 2.01
C GLY B 85 17.47 10.03 2.70
N ASN B 86 18.60 9.85 2.04
CA ASN B 86 19.80 9.33 2.70
C ASN B 86 21.06 9.95 2.10
N GLU B 87 22.23 9.44 2.49
CA GLU B 87 23.50 9.99 2.11
C GLU B 87 23.82 9.85 0.61
N PHE B 88 22.98 9.10 -0.10
CA PHE B 88 23.18 8.77 -1.51
C PHE B 88 22.06 9.20 -2.45
N GLY B 89 21.01 9.84 -1.95
CA GLY B 89 19.98 10.36 -2.83
C GLY B 89 18.65 10.55 -2.14
N SER B 90 17.64 10.86 -2.94
CA SER B 90 16.31 11.06 -2.40
C SER B 90 15.28 10.48 -3.37
N ASP B 91 14.05 10.34 -2.87
CA ASP B 91 12.93 9.94 -3.73
C ASP B 91 11.64 10.52 -3.15
N SER B 92 10.62 10.69 -3.97
CA SER B 92 9.31 11.13 -3.49
C SER B 92 8.20 10.50 -4.34
N ALA B 93 7.03 10.36 -3.73
CA ALA B 93 5.81 9.94 -4.40
C ALA B 93 4.60 10.58 -3.71
N THR B 94 3.48 10.61 -4.43
CA THR B 94 2.30 11.21 -3.84
C THR B 94 1.10 10.28 -3.89
N VAL B 95 0.20 10.49 -2.93
CA VAL B 95 -1.10 9.83 -2.90
C VAL B 95 -2.15 10.89 -2.59
N ASN B 96 -3.24 10.89 -3.35
CA ASN B 96 -4.30 11.88 -3.21
C ASN B 96 -5.39 11.24 -2.35
N ILE B 97 -5.64 11.83 -1.17
CA ILE B 97 -6.58 11.26 -0.19
C ILE B 97 -7.89 12.03 -0.30
N HIS B 98 -8.97 11.28 -0.54
CA HIS B 98 -10.30 11.79 -0.78
C HIS B 98 -11.17 11.39 0.38
N ILE B 99 -11.82 12.35 1.00
CA ILE B 99 -12.69 12.09 2.16
C ILE B 99 -14.12 12.14 1.67
N ARG B 100 -14.89 11.09 1.94
CA ARG B 100 -16.32 11.11 1.62
C ARG B 100 -17.19 11.53 2.80
N SER B 101 -18.01 12.55 2.60
CA SER B 101 -18.85 13.14 3.66
C SER B 101 -19.35 12.17 4.72
C1 GOL C . -11.06 -9.52 -3.93
O1 GOL C . -10.39 -10.31 -2.93
C2 GOL C . -12.37 -10.10 -4.50
O2 GOL C . -13.07 -10.84 -3.53
C3 GOL C . -13.34 -9.00 -4.97
O3 GOL C . -13.38 -8.88 -6.38
S SO4 D . 6.07 -7.66 4.49
O1 SO4 D . 5.62 -9.04 4.64
O2 SO4 D . 4.87 -6.78 4.46
O3 SO4 D . 6.96 -7.25 5.59
O4 SO4 D . 6.79 -7.55 3.19
#